data_1L4M
#
_entry.id   1L4M
#
_cell.length_a   71.930
_cell.length_b   90.030
_cell.length_c   47.550
_cell.angle_alpha   90.00
_cell.angle_beta   90.00
_cell.angle_gamma   90.00
#
_symmetry.space_group_name_H-M   'P 21 21 2'
#
loop_
_entity.id
_entity.type
_entity.pdbx_description
1 polymer 'Nicotinate-nucleotide--dimethylbenzimidazole phosphoribosyltransferase'
2 non-polymer 2-AMINO-P-CRESOL
3 non-polymer 'NICOTINATE MONONUCLEOTIDE'
4 water water
#
_entity_poly.entity_id   1
_entity_poly.type   'polypeptide(L)'
_entity_poly.pdbx_seq_one_letter_code
;MQTLHALLRDIPAPDAEAMARTQQHIDGLLKPPGSLGRLETLAVQLAGMPGLNGTPQVGEKAVLVMCADHGVWDEGVAVS
PKIVTAIQAANMTRGTTGVCVLAAQAGAKVHVIDVGIDAEPIPGVVNMRVARGCGNIAVGPAMSRLQAEALLLEVSRYTC
DLAQRGVTLFGVGELGMANTTPAAAMVSVFTGSDAKEVVGIGANLPPSRIDNKVDVVRRAIAINQPNPRDGIDVLSKVGG
FDLVGMTGVMLGAARCGLPVLLDGFLSYSAALAACQIAPAVRPYLIPSHFSAEKGARIALAHLSMEPYLHMAMRLGEGSG
AALAMPIVEAACAMFHNMGELAASNIVLPEGNANAT
;
_entity_poly.pdbx_strand_id   A
#
# COMPACT_ATOMS: atom_id res chain seq x y z
N LEU A 4 16.05 -10.27 -9.00
CA LEU A 4 15.46 -9.09 -8.29
C LEU A 4 16.27 -7.83 -8.61
N HIS A 5 17.56 -7.98 -8.81
CA HIS A 5 18.41 -6.84 -9.14
C HIS A 5 17.94 -6.29 -10.49
N ALA A 6 17.61 -7.20 -11.40
CA ALA A 6 17.13 -6.83 -12.72
C ALA A 6 15.83 -6.05 -12.58
N LEU A 7 14.88 -6.64 -11.87
CA LEU A 7 13.59 -6.02 -11.63
C LEU A 7 13.74 -4.56 -11.17
N LEU A 8 14.56 -4.35 -10.16
CA LEU A 8 14.75 -3.02 -9.59
C LEU A 8 15.49 -2.08 -10.53
N ARG A 9 16.33 -2.65 -11.39
CA ARG A 9 17.11 -1.86 -12.32
C ARG A 9 16.26 -1.42 -13.53
N ASP A 10 15.18 -2.14 -13.79
CA ASP A 10 14.33 -1.83 -14.92
C ASP A 10 13.09 -0.98 -14.60
N ILE A 11 13.01 -0.43 -13.40
CA ILE A 11 11.86 0.40 -13.07
C ILE A 11 12.02 1.68 -13.88
N PRO A 12 11.00 2.03 -14.66
CA PRO A 12 11.07 3.24 -15.50
C PRO A 12 10.92 4.56 -14.77
N ALA A 13 11.62 5.58 -15.27
CA ALA A 13 11.51 6.90 -14.67
C ALA A 13 10.26 7.51 -15.31
N PRO A 14 9.66 8.51 -14.65
CA PRO A 14 8.45 9.18 -15.15
C PRO A 14 8.74 9.90 -16.47
N ASP A 15 7.72 9.99 -17.32
CA ASP A 15 7.85 10.64 -18.63
C ASP A 15 7.58 12.14 -18.55
N ALA A 16 8.65 12.93 -18.41
CA ALA A 16 8.50 14.38 -18.30
C ALA A 16 7.83 15.00 -19.54
N GLU A 17 8.03 14.40 -20.71
CA GLU A 17 7.44 14.94 -21.92
C GLU A 17 5.91 14.87 -21.88
N ALA A 18 5.39 13.70 -21.50
CA ALA A 18 3.94 13.53 -21.42
C ALA A 18 3.39 14.43 -20.31
N MET A 19 4.13 14.56 -19.21
CA MET A 19 3.68 15.38 -18.10
C MET A 19 3.58 16.86 -18.50
N ALA A 20 4.51 17.33 -19.32
CA ALA A 20 4.47 18.74 -19.75
C ALA A 20 3.24 18.97 -20.66
N ARG A 21 2.98 18.04 -21.57
CA ARG A 21 1.82 18.17 -22.45
C ARG A 21 0.55 18.12 -21.59
N THR A 22 0.59 17.34 -20.52
CA THR A 22 -0.57 17.23 -19.67
C THR A 22 -0.86 18.55 -18.96
N GLN A 23 0.18 19.14 -18.39
CA GLN A 23 0.02 20.40 -17.68
C GLN A 23 -0.57 21.48 -18.59
N GLN A 24 -0.01 21.60 -19.79
CA GLN A 24 -0.48 22.60 -20.74
C GLN A 24 -1.97 22.41 -21.04
N HIS A 25 -2.37 21.17 -21.29
CA HIS A 25 -3.77 20.86 -21.60
C HIS A 25 -4.71 21.19 -20.43
N ILE A 26 -4.25 20.91 -19.22
CA ILE A 26 -5.05 21.19 -18.03
C ILE A 26 -5.20 22.71 -17.84
N ASP A 27 -4.13 23.46 -18.07
CA ASP A 27 -4.19 24.91 -17.88
C ASP A 27 -5.17 25.55 -18.84
N GLY A 28 -5.42 24.90 -19.98
CA GLY A 28 -6.35 25.46 -20.95
C GLY A 28 -7.81 25.08 -20.75
N LEU A 29 -8.08 24.28 -19.72
CA LEU A 29 -9.45 23.85 -19.46
C LEU A 29 -10.35 25.00 -18.98
N LEU A 30 -11.64 24.77 -19.07
CA LEU A 30 -12.66 25.75 -18.70
C LEU A 30 -12.72 26.05 -17.20
N LYS A 31 -11.68 26.71 -16.69
CA LYS A 31 -11.62 27.03 -15.26
C LYS A 31 -10.41 27.91 -15.03
N PRO A 32 -10.36 28.60 -13.88
CA PRO A 32 -9.22 29.46 -13.56
C PRO A 32 -8.05 28.50 -13.41
N PRO A 33 -6.87 28.87 -13.93
CA PRO A 33 -5.70 27.99 -13.82
C PRO A 33 -5.45 27.57 -12.40
N GLY A 34 -5.20 26.27 -12.23
CA GLY A 34 -4.92 25.70 -10.93
C GLY A 34 -6.08 25.61 -9.96
N SER A 35 -7.30 26.00 -10.37
CA SER A 35 -8.44 25.97 -9.44
C SER A 35 -8.88 24.59 -8.99
N LEU A 36 -8.53 23.56 -9.73
CA LEU A 36 -8.90 22.19 -9.36
C LEU A 36 -7.82 21.52 -8.48
N GLY A 37 -6.87 22.33 -8.02
CA GLY A 37 -5.81 21.88 -7.15
C GLY A 37 -5.17 20.52 -7.31
N ARG A 38 -5.26 19.71 -6.26
CA ARG A 38 -4.68 18.37 -6.22
C ARG A 38 -5.22 17.43 -7.29
N LEU A 39 -6.38 17.76 -7.83
CA LEU A 39 -6.95 16.93 -8.90
C LEU A 39 -6.09 17.14 -10.15
N GLU A 40 -5.58 18.35 -10.33
CA GLU A 40 -4.73 18.66 -11.47
C GLU A 40 -3.36 18.01 -11.29
N THR A 41 -2.78 18.13 -10.10
CA THR A 41 -1.48 17.51 -9.85
C THR A 41 -1.58 15.98 -9.99
N LEU A 42 -2.69 15.41 -9.55
CA LEU A 42 -2.85 13.97 -9.70
C LEU A 42 -2.89 13.56 -11.18
N ALA A 43 -3.60 14.34 -12.01
CA ALA A 43 -3.69 14.02 -13.43
C ALA A 43 -2.32 14.06 -14.08
N VAL A 44 -1.50 15.02 -13.69
CA VAL A 44 -0.17 15.14 -14.27
C VAL A 44 0.69 13.96 -13.84
N GLN A 45 0.58 13.59 -12.56
CA GLN A 45 1.34 12.46 -12.05
C GLN A 45 1.06 11.20 -12.87
N LEU A 46 -0.24 10.95 -13.10
CA LEU A 46 -0.65 9.76 -13.86
C LEU A 46 -0.11 9.81 -15.29
N ALA A 47 -0.11 11.01 -15.87
CA ALA A 47 0.38 11.16 -17.24
C ALA A 47 1.84 10.75 -17.39
N GLY A 48 2.61 10.85 -16.31
CA GLY A 48 4.02 10.50 -16.39
C GLY A 48 4.34 9.02 -16.25
N MET A 49 3.33 8.24 -15.91
CA MET A 49 3.51 6.79 -15.72
C MET A 49 3.46 6.06 -17.06
N PRO A 50 4.61 5.56 -17.52
CA PRO A 50 4.75 4.84 -18.81
C PRO A 50 3.71 3.78 -19.14
N GLY A 51 3.13 3.15 -18.14
CA GLY A 51 2.12 2.13 -18.43
C GLY A 51 0.78 2.72 -18.83
N LEU A 52 0.58 4.02 -18.61
CA LEU A 52 -0.68 4.67 -18.95
C LEU A 52 -0.74 5.31 -20.34
N ASN A 53 0.24 5.04 -21.18
CA ASN A 53 0.22 5.58 -22.55
C ASN A 53 0.16 7.12 -22.64
N GLY A 54 1.07 7.77 -21.94
CA GLY A 54 1.16 9.23 -21.96
C GLY A 54 -0.09 10.04 -21.67
N THR A 55 -1.02 9.47 -20.91
CA THR A 55 -2.26 10.18 -20.61
C THR A 55 -2.94 9.64 -19.35
N PRO A 56 -3.61 10.50 -18.58
CA PRO A 56 -4.29 10.05 -17.36
C PRO A 56 -5.48 9.19 -17.76
N GLN A 57 -5.40 7.90 -17.50
CA GLN A 57 -6.50 7.02 -17.87
C GLN A 57 -6.59 5.89 -16.87
N VAL A 58 -7.78 5.28 -16.77
CA VAL A 58 -8.00 4.17 -15.87
C VAL A 58 -8.77 3.10 -16.64
N GLY A 59 -8.22 1.90 -16.69
CA GLY A 59 -8.89 0.80 -17.36
C GLY A 59 -9.48 -0.08 -16.28
N GLU A 60 -8.99 -1.30 -16.15
CA GLU A 60 -9.48 -2.20 -15.10
C GLU A 60 -8.81 -1.83 -13.77
N LYS A 61 -9.48 -2.13 -12.67
CA LYS A 61 -8.96 -1.83 -11.34
C LYS A 61 -8.90 -3.09 -10.49
N ALA A 62 -7.83 -3.25 -9.71
CA ALA A 62 -7.72 -4.41 -8.85
C ALA A 62 -7.15 -4.06 -7.48
N VAL A 63 -7.68 -4.70 -6.45
CA VAL A 63 -7.17 -4.48 -5.10
C VAL A 63 -6.56 -5.80 -4.67
N LEU A 64 -5.27 -5.82 -4.35
CA LEU A 64 -4.60 -7.05 -3.93
C LEU A 64 -4.50 -7.09 -2.41
N VAL A 65 -5.10 -8.11 -1.79
CA VAL A 65 -5.09 -8.23 -0.35
C VAL A 65 -4.19 -9.36 0.13
N MET A 66 -3.08 -8.99 0.78
CA MET A 66 -2.10 -9.97 1.27
C MET A 66 -2.46 -10.39 2.69
N CYS A 67 -2.68 -11.69 2.87
CA CYS A 67 -3.07 -12.24 4.17
C CYS A 67 -2.00 -13.12 4.78
N ALA A 68 -1.78 -12.96 6.08
CA ALA A 68 -0.78 -13.75 6.78
C ALA A 68 -0.94 -13.61 8.29
N ASP A 69 -0.44 -14.61 9.02
CA ASP A 69 -0.50 -14.58 10.46
C ASP A 69 0.89 -14.27 10.96
N HIS A 70 0.97 -13.85 12.23
CA HIS A 70 2.23 -13.44 12.83
C HIS A 70 2.50 -14.13 14.15
N GLY A 71 3.75 -14.58 14.33
CA GLY A 71 4.11 -15.25 15.57
C GLY A 71 3.98 -14.34 16.77
N VAL A 72 4.25 -13.05 16.58
CA VAL A 72 4.20 -12.09 17.67
C VAL A 72 2.80 -11.95 18.29
N TRP A 73 1.82 -12.62 17.70
CA TRP A 73 0.47 -12.59 18.27
C TRP A 73 0.53 -13.19 19.69
N ASP A 74 1.39 -14.17 19.87
CA ASP A 74 1.53 -14.82 21.18
C ASP A 74 2.02 -13.90 22.28
N GLU A 75 2.54 -12.73 21.91
CA GLU A 75 3.04 -11.78 22.90
C GLU A 75 1.90 -10.92 23.50
N GLY A 76 0.65 -11.25 23.16
CA GLY A 76 -0.48 -10.50 23.70
C GLY A 76 -0.70 -9.10 23.17
N VAL A 77 -0.21 -8.82 21.96
CA VAL A 77 -0.37 -7.48 21.36
C VAL A 77 -1.65 -7.28 20.55
N ALA A 78 -2.48 -8.32 20.44
CA ALA A 78 -3.74 -8.25 19.68
C ALA A 78 -4.89 -8.98 20.39
N VAL A 79 -6.05 -8.31 20.48
CA VAL A 79 -7.22 -8.88 21.13
C VAL A 79 -8.11 -9.71 20.19
N SER A 80 -7.86 -9.63 18.89
CA SER A 80 -8.65 -10.41 17.93
C SER A 80 -8.16 -11.86 17.93
N PRO A 81 -9.08 -12.84 17.95
CA PRO A 81 -8.74 -14.25 17.94
C PRO A 81 -7.87 -14.47 16.70
N LYS A 82 -6.81 -15.26 16.80
CA LYS A 82 -5.94 -15.47 15.66
C LYS A 82 -6.61 -16.06 14.43
N ILE A 83 -7.65 -16.87 14.62
CA ILE A 83 -8.34 -17.48 13.49
C ILE A 83 -9.11 -16.49 12.64
N VAL A 84 -9.24 -15.25 13.11
CA VAL A 84 -9.97 -14.26 12.34
C VAL A 84 -9.28 -14.06 10.99
N THR A 85 -7.95 -14.22 10.94
CA THR A 85 -7.25 -14.06 9.65
C THR A 85 -7.83 -15.04 8.63
N ALA A 86 -7.86 -16.32 9.00
CA ALA A 86 -8.39 -17.37 8.11
C ALA A 86 -9.88 -17.19 7.79
N ILE A 87 -10.67 -16.87 8.81
CA ILE A 87 -12.11 -16.68 8.60
C ILE A 87 -12.37 -15.50 7.67
N GLN A 88 -11.70 -14.38 7.92
CA GLN A 88 -11.89 -13.19 7.11
C GLN A 88 -11.40 -13.41 5.68
N ALA A 89 -10.32 -14.17 5.53
CA ALA A 89 -9.78 -14.44 4.20
C ALA A 89 -10.86 -15.17 3.40
N ALA A 90 -11.54 -16.10 4.06
CA ALA A 90 -12.62 -16.83 3.41
C ALA A 90 -13.73 -15.85 3.03
N ASN A 91 -14.14 -15.02 3.98
CA ASN A 91 -15.18 -14.04 3.70
C ASN A 91 -14.85 -13.16 2.49
N MET A 92 -13.56 -12.87 2.29
CA MET A 92 -13.11 -12.07 1.16
C MET A 92 -13.59 -12.69 -0.14
N THR A 93 -13.58 -14.02 -0.22
CA THR A 93 -14.00 -14.71 -1.43
C THR A 93 -15.52 -14.68 -1.59
N ARG A 94 -16.24 -14.33 -0.53
CA ARG A 94 -17.70 -14.25 -0.55
C ARG A 94 -18.23 -12.85 -0.77
N GLY A 95 -17.33 -11.87 -0.90
CA GLY A 95 -17.74 -10.50 -1.14
C GLY A 95 -18.48 -9.81 -0.01
N THR A 96 -18.33 -10.28 1.22
CA THR A 96 -19.03 -9.66 2.33
C THR A 96 -18.20 -8.77 3.25
N THR A 97 -16.90 -8.64 2.96
CA THR A 97 -16.02 -7.80 3.78
C THR A 97 -16.03 -6.33 3.36
N GLY A 98 -15.46 -5.47 4.22
CA GLY A 98 -15.41 -4.05 3.94
C GLY A 98 -14.76 -3.72 2.60
N VAL A 99 -13.60 -4.29 2.29
CA VAL A 99 -12.96 -3.97 1.03
C VAL A 99 -13.78 -4.51 -0.15
N CYS A 100 -14.46 -5.63 0.03
CA CYS A 100 -15.28 -6.18 -1.06
C CYS A 100 -16.43 -5.26 -1.43
N VAL A 101 -17.12 -4.76 -0.42
CA VAL A 101 -18.23 -3.85 -0.62
C VAL A 101 -17.78 -2.53 -1.22
N LEU A 102 -16.65 -2.00 -0.75
CA LEU A 102 -16.16 -0.75 -1.27
C LEU A 102 -15.56 -0.93 -2.67
N ALA A 103 -14.91 -2.06 -2.92
CA ALA A 103 -14.32 -2.31 -4.23
C ALA A 103 -15.44 -2.46 -5.27
N ALA A 104 -16.52 -3.13 -4.89
CA ALA A 104 -17.65 -3.30 -5.79
C ALA A 104 -18.19 -1.93 -6.21
N GLN A 105 -18.32 -1.04 -5.25
CA GLN A 105 -18.84 0.29 -5.53
C GLN A 105 -17.95 1.03 -6.55
N ALA A 106 -16.63 0.81 -6.45
CA ALA A 106 -15.67 1.44 -7.35
C ALA A 106 -15.48 0.63 -8.64
N GLY A 107 -16.11 -0.53 -8.71
CA GLY A 107 -15.99 -1.37 -9.90
C GLY A 107 -14.60 -1.99 -10.00
N ALA A 108 -14.01 -2.33 -8.87
CA ALA A 108 -12.68 -2.93 -8.86
C ALA A 108 -12.79 -4.39 -8.43
N LYS A 109 -11.85 -5.22 -8.87
CA LYS A 109 -11.88 -6.62 -8.48
C LYS A 109 -10.88 -6.86 -7.35
N VAL A 110 -11.27 -7.68 -6.39
CA VAL A 110 -10.42 -7.99 -5.26
C VAL A 110 -9.68 -9.32 -5.42
N HIS A 111 -8.36 -9.29 -5.29
CA HIS A 111 -7.58 -10.52 -5.38
C HIS A 111 -7.09 -10.84 -3.99
N VAL A 112 -7.54 -11.96 -3.42
CA VAL A 112 -7.11 -12.34 -2.07
C VAL A 112 -5.91 -13.27 -2.19
N ILE A 113 -4.80 -12.91 -1.57
CA ILE A 113 -3.61 -13.71 -1.66
C ILE A 113 -3.14 -14.16 -0.28
N ASP A 114 -2.96 -15.47 -0.13
CA ASP A 114 -2.50 -16.04 1.12
C ASP A 114 -0.99 -16.18 1.01
N VAL A 115 -0.28 -15.33 1.75
CA VAL A 115 1.18 -15.39 1.75
C VAL A 115 1.74 -15.99 3.05
N GLY A 116 0.85 -16.42 3.94
CA GLY A 116 1.30 -17.02 5.18
C GLY A 116 0.28 -17.19 6.30
N ILE A 117 -0.96 -17.57 5.96
CA ILE A 117 -1.99 -17.77 6.98
C ILE A 117 -1.70 -19.06 7.75
N ASP A 118 -1.91 -19.03 9.07
CA ASP A 118 -1.66 -20.21 9.91
C ASP A 118 -2.95 -21.05 9.99
N ALA A 119 -3.27 -21.75 8.92
CA ALA A 119 -4.46 -22.57 8.86
C ALA A 119 -4.40 -23.37 7.57
N GLU A 120 -5.37 -24.25 7.35
CA GLU A 120 -5.36 -25.04 6.12
C GLU A 120 -5.67 -24.11 4.96
N PRO A 121 -5.22 -24.47 3.75
CA PRO A 121 -5.45 -23.67 2.53
C PRO A 121 -6.92 -23.32 2.36
N ILE A 122 -7.19 -22.10 1.93
CA ILE A 122 -8.57 -21.68 1.73
C ILE A 122 -8.88 -21.69 0.24
N PRO A 123 -9.80 -22.55 -0.18
CA PRO A 123 -10.13 -22.59 -1.61
C PRO A 123 -10.62 -21.24 -2.14
N GLY A 124 -10.19 -20.90 -3.35
CA GLY A 124 -10.61 -19.64 -3.94
C GLY A 124 -9.62 -18.52 -3.69
N VAL A 125 -8.69 -18.76 -2.77
CA VAL A 125 -7.68 -17.77 -2.44
C VAL A 125 -6.38 -18.12 -3.16
N VAL A 126 -5.69 -17.10 -3.69
CA VAL A 126 -4.45 -17.30 -4.41
C VAL A 126 -3.44 -17.83 -3.41
N ASN A 127 -2.85 -18.97 -3.72
CA ASN A 127 -1.89 -19.57 -2.81
C ASN A 127 -0.42 -19.22 -3.09
N MET A 128 0.16 -18.42 -2.21
CA MET A 128 1.58 -18.02 -2.29
C MET A 128 2.15 -18.09 -0.87
N ARG A 129 1.61 -18.96 -0.04
CA ARG A 129 2.06 -19.04 1.34
C ARG A 129 3.50 -19.46 1.56
N VAL A 130 4.21 -18.69 2.37
CA VAL A 130 5.60 -19.02 2.63
C VAL A 130 5.67 -20.03 3.78
N ALA A 131 4.83 -19.83 4.79
CA ALA A 131 4.77 -20.72 5.95
C ALA A 131 3.48 -20.42 6.71
N ARG A 132 3.16 -21.25 7.69
CA ARG A 132 1.96 -21.03 8.50
C ARG A 132 2.29 -19.99 9.55
N GLY A 133 2.25 -18.73 9.12
CA GLY A 133 2.58 -17.61 10.00
C GLY A 133 4.08 -17.40 10.00
N CYS A 134 4.53 -16.17 10.27
CA CYS A 134 5.97 -15.87 10.31
C CYS A 134 6.48 -15.98 11.75
N GLY A 135 7.80 -15.98 11.92
CA GLY A 135 8.36 -16.09 13.25
C GLY A 135 8.00 -14.90 14.13
N ASN A 136 8.02 -15.14 15.44
CA ASN A 136 7.72 -14.15 16.47
C ASN A 136 8.86 -13.14 16.49
N ILE A 137 8.63 -11.94 15.96
CA ILE A 137 9.71 -10.95 15.91
C ILE A 137 10.23 -10.53 17.27
N ALA A 138 9.53 -10.89 18.34
CA ALA A 138 9.97 -10.52 19.68
C ALA A 138 11.23 -11.27 20.14
N VAL A 139 11.44 -12.46 19.60
CA VAL A 139 12.58 -13.29 20.00
C VAL A 139 13.50 -13.62 18.84
N GLY A 140 13.18 -13.13 17.66
CA GLY A 140 14.01 -13.41 16.51
C GLY A 140 13.44 -12.82 15.24
N PRO A 141 13.96 -13.22 14.07
CA PRO A 141 13.47 -12.71 12.80
C PRO A 141 12.13 -13.29 12.38
N ALA A 142 11.41 -12.54 11.56
CA ALA A 142 10.13 -12.98 11.06
C ALA A 142 10.36 -14.06 9.98
N MET A 143 11.47 -13.95 9.26
CA MET A 143 11.77 -14.88 8.18
C MET A 143 13.21 -14.66 7.73
N SER A 144 13.68 -15.49 6.80
CA SER A 144 15.04 -15.35 6.27
C SER A 144 15.03 -14.36 5.11
N ARG A 145 16.20 -13.81 4.79
CA ARG A 145 16.31 -12.85 3.70
C ARG A 145 15.88 -13.51 2.39
N LEU A 146 16.24 -14.77 2.21
CA LEU A 146 15.86 -15.50 0.99
C LEU A 146 14.35 -15.55 0.85
N GLN A 147 13.65 -15.87 1.94
CA GLN A 147 12.19 -15.96 1.91
C GLN A 147 11.56 -14.61 1.55
N ALA A 148 12.14 -13.53 2.06
CA ALA A 148 11.64 -12.20 1.77
C ALA A 148 11.84 -11.88 0.28
N GLU A 149 13.06 -12.10 -0.22
CA GLU A 149 13.37 -11.84 -1.62
C GLU A 149 12.52 -12.66 -2.58
N ALA A 150 12.33 -13.94 -2.29
CA ALA A 150 11.54 -14.80 -3.15
C ALA A 150 10.10 -14.28 -3.22
N LEU A 151 9.52 -13.97 -2.07
CA LEU A 151 8.14 -13.48 -2.05
C LEU A 151 8.01 -12.16 -2.81
N LEU A 152 9.00 -11.27 -2.66
CA LEU A 152 8.98 -10.00 -3.37
C LEU A 152 8.91 -10.27 -4.86
N LEU A 153 9.77 -11.17 -5.32
CA LEU A 153 9.84 -11.54 -6.73
C LEU A 153 8.52 -12.12 -7.21
N GLU A 154 8.03 -13.11 -6.47
CA GLU A 154 6.77 -13.78 -6.78
C GLU A 154 5.59 -12.79 -6.90
N VAL A 155 5.39 -11.95 -5.89
CA VAL A 155 4.28 -10.99 -5.91
C VAL A 155 4.46 -9.92 -6.99
N SER A 156 5.71 -9.50 -7.21
CA SER A 156 6.03 -8.52 -8.24
C SER A 156 5.57 -8.99 -9.62
N ARG A 157 5.86 -10.25 -9.93
CA ARG A 157 5.51 -10.82 -11.22
C ARG A 157 4.00 -10.97 -11.37
N TYR A 158 3.36 -11.44 -10.30
CA TYR A 158 1.92 -11.61 -10.32
C TYR A 158 1.25 -10.28 -10.61
N THR A 159 1.78 -9.21 -10.00
CA THR A 159 1.23 -7.87 -10.16
C THR A 159 1.34 -7.31 -11.59
N CYS A 160 2.54 -7.37 -12.16
CA CYS A 160 2.76 -6.84 -13.50
C CYS A 160 2.03 -7.76 -14.53
N ASP A 161 1.85 -9.04 -14.19
CA ASP A 161 1.12 -9.95 -15.10
C ASP A 161 -0.34 -9.53 -15.22
N LEU A 162 -0.92 -9.00 -14.15
CA LEU A 162 -2.31 -8.54 -14.20
C LEU A 162 -2.46 -7.39 -15.17
N ALA A 163 -1.42 -6.57 -15.26
CA ALA A 163 -1.41 -5.43 -16.16
C ALA A 163 -1.61 -5.91 -17.58
N GLN A 164 -1.06 -7.07 -17.88
CA GLN A 164 -1.16 -7.61 -19.23
C GLN A 164 -2.61 -8.01 -19.51
N ARG A 165 -3.46 -7.97 -18.50
CA ARG A 165 -4.86 -8.35 -18.68
C ARG A 165 -5.81 -7.16 -18.65
N GLY A 166 -5.27 -5.95 -18.67
CA GLY A 166 -6.11 -4.77 -18.66
C GLY A 166 -6.07 -3.92 -17.42
N VAL A 167 -5.55 -4.45 -16.31
CA VAL A 167 -5.48 -3.67 -15.08
C VAL A 167 -4.51 -2.49 -15.21
N THR A 168 -4.97 -1.30 -14.87
CA THR A 168 -4.13 -0.11 -14.97
C THR A 168 -4.00 0.63 -13.64
N LEU A 169 -4.81 0.25 -12.65
CA LEU A 169 -4.78 0.90 -11.34
C LEU A 169 -4.82 -0.15 -10.25
N PHE A 170 -3.82 -0.14 -9.38
CA PHE A 170 -3.80 -1.12 -8.30
C PHE A 170 -4.09 -0.48 -6.96
N GLY A 171 -4.61 -1.29 -6.05
CA GLY A 171 -4.87 -0.86 -4.70
C GLY A 171 -4.21 -1.94 -3.86
N VAL A 172 -3.59 -1.60 -2.74
CA VAL A 172 -2.94 -2.61 -1.92
C VAL A 172 -3.60 -2.71 -0.53
N GLY A 173 -3.75 -3.93 -0.03
CA GLY A 173 -4.37 -4.12 1.28
C GLY A 173 -3.80 -5.33 1.99
N GLU A 174 -4.19 -5.55 3.24
CA GLU A 174 -3.70 -6.68 4.00
C GLU A 174 -4.74 -7.19 4.98
N LEU A 175 -4.44 -8.33 5.58
CA LEU A 175 -5.28 -8.97 6.59
C LEU A 175 -4.34 -9.85 7.41
N GLY A 176 -4.24 -9.57 8.71
CA GLY A 176 -3.38 -10.36 9.57
C GLY A 176 -3.44 -9.86 11.01
N MET A 177 -3.99 -10.68 11.90
CA MET A 177 -4.10 -10.28 13.30
C MET A 177 -2.70 -10.00 13.85
N ALA A 178 -2.58 -8.88 14.55
CA ALA A 178 -1.34 -8.41 15.17
C ALA A 178 -0.38 -7.72 14.23
N ASN A 179 -0.72 -7.51 12.96
CA ASN A 179 0.26 -6.88 12.08
C ASN A 179 0.58 -5.40 12.31
N THR A 180 -0.14 -4.72 13.20
CA THR A 180 0.23 -3.32 13.44
C THR A 180 1.46 -3.27 14.33
N THR A 181 1.82 -4.41 14.93
CA THR A 181 3.02 -4.45 15.76
C THR A 181 4.26 -4.43 14.85
N PRO A 182 4.40 -5.40 13.94
CA PRO A 182 5.60 -5.31 13.08
C PRO A 182 5.58 -4.02 12.26
N ALA A 183 4.40 -3.54 11.91
CA ALA A 183 4.29 -2.29 11.14
C ALA A 183 4.87 -1.16 11.96
N ALA A 184 4.53 -1.11 13.24
CA ALA A 184 5.06 -0.05 14.11
C ALA A 184 6.58 -0.19 14.22
N ALA A 185 7.08 -1.42 14.30
CA ALA A 185 8.52 -1.63 14.41
C ALA A 185 9.26 -1.09 13.17
N MET A 186 8.74 -1.40 11.99
CA MET A 186 9.34 -0.92 10.75
C MET A 186 9.33 0.58 10.67
N VAL A 187 8.20 1.18 11.01
CA VAL A 187 8.12 2.64 10.96
C VAL A 187 9.15 3.25 11.91
N SER A 188 9.27 2.70 13.12
CA SER A 188 10.24 3.19 14.09
C SER A 188 11.67 3.13 13.52
N VAL A 189 12.02 1.99 12.92
CA VAL A 189 13.34 1.82 12.33
C VAL A 189 13.61 2.74 11.14
N PHE A 190 12.66 2.82 10.20
CA PHE A 190 12.86 3.67 9.02
C PHE A 190 12.85 5.17 9.31
N THR A 191 11.99 5.61 10.24
CA THR A 191 11.90 7.05 10.54
C THR A 191 12.80 7.46 11.70
N GLY A 192 13.27 6.48 12.47
CA GLY A 192 14.09 6.79 13.61
C GLY A 192 13.29 7.38 14.75
N SER A 193 11.99 7.07 14.82
CA SER A 193 11.13 7.57 15.89
C SER A 193 11.08 6.56 17.03
N ASP A 194 10.81 7.05 18.23
CA ASP A 194 10.71 6.15 19.39
C ASP A 194 9.44 5.33 19.24
N ALA A 195 9.49 4.08 19.67
CA ALA A 195 8.36 3.18 19.60
C ALA A 195 7.08 3.75 20.21
N LYS A 196 7.21 4.51 21.29
CA LYS A 196 6.04 5.08 21.94
C LYS A 196 5.28 6.05 21.03
N GLU A 197 6.01 6.74 20.16
CA GLU A 197 5.39 7.69 19.24
C GLU A 197 4.72 7.03 18.03
N VAL A 198 5.04 5.78 17.77
CA VAL A 198 4.52 5.09 16.59
C VAL A 198 3.61 3.87 16.83
N VAL A 199 3.47 3.45 18.08
CA VAL A 199 2.64 2.30 18.42
C VAL A 199 1.20 2.73 18.72
N GLY A 200 0.24 2.15 17.99
CA GLY A 200 -1.16 2.50 18.18
C GLY A 200 -2.03 1.42 18.78
N ILE A 201 -3.33 1.67 18.83
CA ILE A 201 -4.28 0.70 19.39
C ILE A 201 -4.67 -0.42 18.42
N GLY A 202 -4.22 -0.33 17.16
CA GLY A 202 -4.56 -1.37 16.19
C GLY A 202 -6.05 -1.66 16.15
N ALA A 203 -6.42 -2.94 16.15
CA ALA A 203 -7.83 -3.32 16.12
C ALA A 203 -8.40 -3.35 17.53
N ASN A 204 -8.63 -2.16 18.07
CA ASN A 204 -9.19 -1.98 19.41
C ASN A 204 -8.44 -2.57 20.60
N LEU A 205 -7.12 -2.41 20.64
CA LEU A 205 -6.35 -2.90 21.77
C LEU A 205 -6.65 -1.98 22.96
N PRO A 206 -6.93 -2.55 24.14
CA PRO A 206 -7.21 -1.71 25.33
C PRO A 206 -6.06 -0.78 25.66
N PRO A 207 -6.37 0.43 26.13
CA PRO A 207 -5.35 1.42 26.46
C PRO A 207 -4.27 0.94 27.43
N SER A 208 -4.61 0.01 28.30
CA SER A 208 -3.64 -0.51 29.27
C SER A 208 -2.57 -1.37 28.61
N ARG A 209 -3.02 -2.29 27.77
CA ARG A 209 -2.14 -3.22 27.05
C ARG A 209 -1.16 -2.52 26.11
N ILE A 210 -1.28 -1.20 25.96
CA ILE A 210 -0.40 -0.47 25.07
C ILE A 210 1.07 -0.58 25.49
N ASP A 211 1.33 -0.45 26.79
CA ASP A 211 2.70 -0.52 27.29
C ASP A 211 3.40 -1.80 26.86
N ASN A 212 2.70 -2.92 26.96
CA ASN A 212 3.26 -4.20 26.57
C ASN A 212 3.61 -4.18 25.09
N LYS A 213 2.71 -3.63 24.27
CA LYS A 213 2.95 -3.57 22.84
C LYS A 213 4.22 -2.76 22.56
N VAL A 214 4.40 -1.64 23.27
CA VAL A 214 5.59 -0.83 23.06
C VAL A 214 6.86 -1.60 23.42
N ASP A 215 6.81 -2.32 24.54
CA ASP A 215 7.98 -3.10 24.97
C ASP A 215 8.32 -4.17 23.92
N VAL A 216 7.29 -4.80 23.37
CA VAL A 216 7.48 -5.85 22.36
C VAL A 216 8.18 -5.28 21.13
N VAL A 217 7.72 -4.12 20.67
CA VAL A 217 8.34 -3.46 19.52
C VAL A 217 9.81 -3.15 19.81
N ARG A 218 10.09 -2.63 21.00
CA ARG A 218 11.47 -2.32 21.37
C ARG A 218 12.35 -3.56 21.44
N ARG A 219 11.78 -4.65 21.96
CA ARG A 219 12.50 -5.91 22.07
C ARG A 219 12.80 -6.47 20.68
N ALA A 220 11.83 -6.35 19.77
CA ALA A 220 12.00 -6.85 18.41
C ALA A 220 13.18 -6.18 17.73
N ILE A 221 13.26 -4.86 17.89
CA ILE A 221 14.34 -4.09 17.29
C ILE A 221 15.70 -4.43 17.91
N ALA A 222 15.75 -4.42 19.25
CA ALA A 222 16.97 -4.73 19.99
C ALA A 222 17.56 -6.10 19.63
N ILE A 223 16.71 -7.12 19.66
CA ILE A 223 17.15 -8.48 19.36
C ILE A 223 17.55 -8.69 17.90
N ASN A 224 16.80 -8.12 16.97
CA ASN A 224 17.14 -8.31 15.55
C ASN A 224 18.13 -7.31 14.96
N GLN A 225 18.22 -6.12 15.55
CA GLN A 225 19.15 -5.13 15.04
C GLN A 225 19.03 -4.95 13.52
N PRO A 226 17.81 -4.63 13.04
CA PRO A 226 17.64 -4.45 11.60
C PRO A 226 18.37 -3.19 11.08
N ASN A 227 18.95 -3.29 9.90
CA ASN A 227 19.68 -2.17 9.28
C ASN A 227 18.71 -1.28 8.51
N PRO A 228 18.48 -0.04 8.99
CA PRO A 228 17.58 0.95 8.38
C PRO A 228 17.89 1.27 6.92
N ARG A 229 19.15 1.10 6.53
CA ARG A 229 19.55 1.42 5.18
C ARG A 229 19.27 0.26 4.22
N ASP A 230 18.76 -0.85 4.74
CA ASP A 230 18.47 -2.00 3.91
C ASP A 230 17.02 -2.42 4.16
N GLY A 231 16.11 -1.97 3.30
CA GLY A 231 14.70 -2.29 3.47
C GLY A 231 14.37 -3.76 3.48
N ILE A 232 15.13 -4.56 2.75
CA ILE A 232 14.87 -6.00 2.74
C ILE A 232 15.24 -6.58 4.11
N ASP A 233 16.34 -6.09 4.69
CA ASP A 233 16.78 -6.56 6.01
C ASP A 233 15.71 -6.22 7.04
N VAL A 234 15.15 -5.02 6.95
CA VAL A 234 14.13 -4.60 7.88
C VAL A 234 12.90 -5.48 7.73
N LEU A 235 12.43 -5.64 6.51
CA LEU A 235 11.25 -6.46 6.26
C LEU A 235 11.38 -7.88 6.78
N SER A 236 12.51 -8.54 6.48
CA SER A 236 12.72 -9.93 6.89
C SER A 236 12.86 -10.12 8.41
N LYS A 237 13.43 -9.13 9.08
CA LYS A 237 13.63 -9.23 10.53
C LYS A 237 12.44 -8.85 11.38
N VAL A 238 11.91 -7.64 11.17
CA VAL A 238 10.80 -7.19 11.98
C VAL A 238 9.51 -6.92 11.21
N GLY A 239 9.41 -7.46 10.00
CA GLY A 239 8.22 -7.30 9.20
C GLY A 239 7.34 -8.54 9.30
N GLY A 240 6.65 -8.87 8.19
CA GLY A 240 5.79 -10.04 8.15
C GLY A 240 5.54 -10.39 6.69
N PHE A 241 4.94 -11.54 6.43
CA PHE A 241 4.67 -11.97 5.05
C PHE A 241 3.72 -11.03 4.33
N ASP A 242 2.68 -10.56 5.04
CA ASP A 242 1.72 -9.64 4.45
C ASP A 242 2.41 -8.31 4.09
N LEU A 243 3.24 -7.79 4.98
CA LEU A 243 3.97 -6.55 4.72
C LEU A 243 4.93 -6.70 3.52
N VAL A 244 5.61 -7.84 3.44
CA VAL A 244 6.52 -8.09 2.32
C VAL A 244 5.69 -8.10 1.04
N GLY A 245 4.56 -8.80 1.07
CA GLY A 245 3.69 -8.89 -0.09
C GLY A 245 3.26 -7.53 -0.59
N MET A 246 2.82 -6.65 0.31
CA MET A 246 2.40 -5.32 -0.12
C MET A 246 3.58 -4.59 -0.77
N THR A 247 4.77 -4.70 -0.19
CA THR A 247 5.94 -4.07 -0.78
C THR A 247 6.13 -4.60 -2.22
N GLY A 248 5.92 -5.90 -2.40
CA GLY A 248 6.06 -6.51 -3.70
C GLY A 248 5.07 -6.02 -4.73
N VAL A 249 3.86 -5.65 -4.31
CA VAL A 249 2.87 -5.12 -5.24
C VAL A 249 3.39 -3.76 -5.71
N MET A 250 3.90 -2.97 -4.78
CA MET A 250 4.44 -1.65 -5.13
C MET A 250 5.62 -1.76 -6.10
N LEU A 251 6.52 -2.72 -5.90
CA LEU A 251 7.66 -2.84 -6.81
C LEU A 251 7.21 -3.33 -8.17
N GLY A 252 6.23 -4.23 -8.18
CA GLY A 252 5.72 -4.76 -9.44
C GLY A 252 4.98 -3.70 -10.25
N ALA A 253 4.13 -2.92 -9.58
CA ALA A 253 3.41 -1.90 -10.30
C ALA A 253 4.40 -0.87 -10.86
N ALA A 254 5.41 -0.51 -10.08
CA ALA A 254 6.40 0.47 -10.55
C ALA A 254 7.15 -0.07 -11.77
N ARG A 255 7.58 -1.32 -11.71
CA ARG A 255 8.29 -1.94 -12.82
C ARG A 255 7.39 -1.90 -14.07
N CYS A 256 6.10 -2.12 -13.84
CA CYS A 256 5.08 -2.12 -14.88
C CYS A 256 4.73 -0.68 -15.27
N GLY A 257 5.30 0.27 -14.56
CA GLY A 257 5.03 1.68 -14.82
C GLY A 257 3.58 2.06 -14.59
N LEU A 258 2.97 1.45 -13.57
CA LEU A 258 1.57 1.72 -13.29
C LEU A 258 1.39 2.25 -11.88
N PRO A 259 0.28 2.99 -11.66
CA PRO A 259 -0.03 3.59 -10.35
C PRO A 259 -0.53 2.61 -9.31
N VAL A 260 -0.20 2.89 -8.05
CA VAL A 260 -0.60 2.08 -6.92
C VAL A 260 -1.17 2.95 -5.81
N LEU A 261 -2.40 2.66 -5.41
CA LEU A 261 -3.01 3.43 -4.32
C LEU A 261 -2.68 2.75 -2.99
N LEU A 262 -2.10 3.51 -2.06
CA LEU A 262 -1.81 2.99 -0.73
C LEU A 262 -3.13 2.91 0.05
N ASP A 263 -3.11 2.25 1.21
CA ASP A 263 -4.29 2.13 2.06
C ASP A 263 -4.02 2.83 3.39
N GLY A 264 -3.95 2.06 4.49
CA GLY A 264 -3.69 2.63 5.80
C GLY A 264 -2.29 2.46 6.38
N PHE A 265 -2.19 2.43 7.71
CA PHE A 265 -0.90 2.32 8.41
C PHE A 265 0.01 1.17 7.95
N LEU A 266 -0.57 -0.02 7.77
CA LEU A 266 0.24 -1.14 7.32
C LEU A 266 0.87 -0.86 5.97
N SER A 267 0.10 -0.28 5.06
CA SER A 267 0.64 0.01 3.74
C SER A 267 1.70 1.08 3.81
N TYR A 268 1.59 2.02 4.75
CA TYR A 268 2.61 3.07 4.88
C TYR A 268 3.96 2.43 5.23
N SER A 269 3.97 1.45 6.13
CA SER A 269 5.23 0.82 6.51
C SER A 269 5.82 0.08 5.31
N ALA A 270 4.96 -0.55 4.52
CA ALA A 270 5.39 -1.28 3.32
C ALA A 270 5.95 -0.30 2.28
N ALA A 271 5.34 0.87 2.16
CA ALA A 271 5.81 1.87 1.21
C ALA A 271 7.17 2.43 1.63
N LEU A 272 7.39 2.56 2.93
CA LEU A 272 8.69 3.06 3.43
C LEU A 272 9.77 2.03 3.02
N ALA A 273 9.46 0.74 3.20
CA ALA A 273 10.40 -0.31 2.84
C ALA A 273 10.66 -0.25 1.33
N ALA A 274 9.58 -0.18 0.55
CA ALA A 274 9.68 -0.10 -0.90
C ALA A 274 10.55 1.07 -1.41
N CYS A 275 10.31 2.25 -0.87
CA CYS A 275 11.08 3.42 -1.29
C CYS A 275 12.54 3.34 -0.89
N GLN A 276 12.82 2.59 0.18
CA GLN A 276 14.18 2.42 0.67
C GLN A 276 14.91 1.46 -0.25
N ILE A 277 14.20 0.41 -0.67
CA ILE A 277 14.75 -0.59 -1.56
C ILE A 277 14.97 0.01 -2.93
N ALA A 278 14.02 0.82 -3.40
CA ALA A 278 14.14 1.44 -4.71
C ALA A 278 13.40 2.76 -4.74
N PRO A 279 14.16 3.88 -4.66
CA PRO A 279 13.56 5.22 -4.66
C PRO A 279 12.71 5.48 -5.90
N ALA A 280 13.06 4.83 -7.01
CA ALA A 280 12.34 5.01 -8.25
C ALA A 280 10.87 4.61 -8.13
N VAL A 281 10.50 3.96 -7.02
CA VAL A 281 9.11 3.53 -6.85
C VAL A 281 8.17 4.67 -6.45
N ARG A 282 8.71 5.65 -5.71
CA ARG A 282 7.92 6.78 -5.20
C ARG A 282 6.97 7.47 -6.18
N PRO A 283 7.43 7.78 -7.41
CA PRO A 283 6.57 8.45 -8.40
C PRO A 283 5.26 7.72 -8.73
N TYR A 284 5.22 6.41 -8.47
CA TYR A 284 4.04 5.60 -8.77
C TYR A 284 3.06 5.45 -7.61
N LEU A 285 3.47 5.85 -6.40
CA LEU A 285 2.60 5.73 -5.24
C LEU A 285 1.58 6.87 -5.10
N ILE A 286 0.35 6.51 -4.79
CA ILE A 286 -0.71 7.49 -4.63
C ILE A 286 -1.37 7.25 -3.26
N PRO A 287 -1.43 8.29 -2.42
CA PRO A 287 -2.05 8.11 -1.10
C PRO A 287 -3.57 8.05 -1.22
N SER A 288 -4.24 7.40 -0.28
CA SER A 288 -5.68 7.37 -0.31
C SER A 288 -6.20 8.16 0.89
N HIS A 289 -6.20 7.54 2.07
CA HIS A 289 -6.70 8.19 3.26
C HIS A 289 -5.66 8.33 4.37
N PHE A 290 -6.06 9.04 5.42
CA PHE A 290 -5.22 9.27 6.58
C PHE A 290 -5.70 8.33 7.67
N SER A 291 -4.93 7.27 7.90
CA SER A 291 -5.25 6.27 8.93
C SER A 291 -5.35 6.83 10.33
N ALA A 292 -6.28 6.30 11.12
CA ALA A 292 -6.45 6.77 12.51
C ALA A 292 -5.39 6.18 13.44
N GLU A 293 -4.50 5.35 12.91
CA GLU A 293 -3.45 4.76 13.72
C GLU A 293 -2.51 5.88 14.17
N LYS A 294 -2.08 5.81 15.44
CA LYS A 294 -1.21 6.83 16.02
C LYS A 294 0.03 7.21 15.22
N GLY A 295 0.75 6.23 14.67
CA GLY A 295 1.94 6.54 13.93
C GLY A 295 1.76 6.99 12.49
N ALA A 296 0.51 7.16 12.06
CA ALA A 296 0.22 7.56 10.68
C ALA A 296 0.92 8.86 10.27
N ARG A 297 0.77 9.90 11.10
CA ARG A 297 1.37 11.19 10.79
C ARG A 297 2.86 11.13 10.49
N ILE A 298 3.61 10.43 11.35
CA ILE A 298 5.05 10.29 11.21
C ILE A 298 5.40 9.51 9.96
N ALA A 299 4.70 8.40 9.73
CA ALA A 299 4.97 7.59 8.56
C ALA A 299 4.74 8.38 7.26
N LEU A 300 3.63 9.11 7.19
CA LEU A 300 3.31 9.89 6.00
C LEU A 300 4.29 11.05 5.77
N ALA A 301 4.78 11.62 6.87
CA ALA A 301 5.72 12.72 6.78
C ALA A 301 7.03 12.26 6.14
N HIS A 302 7.47 11.05 6.44
CA HIS A 302 8.71 10.56 5.86
C HIS A 302 8.51 10.14 4.43
N LEU A 303 7.26 9.88 4.06
CA LEU A 303 6.93 9.49 2.69
C LEU A 303 6.61 10.78 1.92
N SER A 304 6.53 11.88 2.65
CA SER A 304 6.19 13.18 2.08
C SER A 304 4.88 13.10 1.30
N MET A 305 3.88 12.50 1.93
CA MET A 305 2.57 12.34 1.30
C MET A 305 1.46 12.97 2.12
N GLU A 306 0.47 13.49 1.42
CA GLU A 306 -0.69 14.09 2.08
C GLU A 306 -1.92 13.37 1.50
N PRO A 307 -2.57 12.53 2.31
CA PRO A 307 -3.76 11.80 1.84
C PRO A 307 -4.89 12.72 1.40
N TYR A 308 -5.72 12.22 0.49
CA TYR A 308 -6.85 13.00 0.01
C TYR A 308 -8.05 12.90 0.96
N LEU A 309 -8.23 11.75 1.58
CA LEU A 309 -9.37 11.49 2.45
C LEU A 309 -9.07 11.41 3.94
N HIS A 310 -9.88 12.10 4.73
CA HIS A 310 -9.74 12.08 6.18
C HIS A 310 -11.03 11.46 6.69
N MET A 311 -11.00 10.13 6.84
CA MET A 311 -12.19 9.39 7.27
C MET A 311 -12.02 8.68 8.62
N ALA A 312 -10.91 8.94 9.31
CA ALA A 312 -10.62 8.28 10.59
C ALA A 312 -10.78 6.76 10.47
N MET A 313 -10.44 6.22 9.31
CA MET A 313 -10.55 4.78 9.09
C MET A 313 -9.31 4.01 9.56
N ARG A 314 -9.53 2.79 10.03
CA ARG A 314 -8.46 1.93 10.54
C ARG A 314 -8.84 0.47 10.41
N LEU A 315 -9.58 0.14 9.35
CA LEU A 315 -10.00 -1.25 9.12
C LEU A 315 -8.93 -2.07 8.42
N GLY A 316 -8.29 -1.48 7.41
CA GLY A 316 -7.28 -2.21 6.66
C GLY A 316 -7.98 -2.85 5.48
N GLU A 317 -7.47 -4.00 5.03
CA GLU A 317 -8.03 -4.75 3.90
C GLU A 317 -7.87 -4.06 2.55
N GLY A 318 -7.48 -2.80 2.56
CA GLY A 318 -7.36 -2.07 1.32
C GLY A 318 -8.65 -1.28 1.12
N SER A 319 -9.45 -1.19 2.17
CA SER A 319 -10.72 -0.46 2.08
C SER A 319 -10.54 1.01 1.70
N GLY A 320 -9.49 1.65 2.21
CA GLY A 320 -9.23 3.05 1.89
C GLY A 320 -8.82 3.22 0.43
N ALA A 321 -8.01 2.28 -0.06
CA ALA A 321 -7.55 2.32 -1.45
C ALA A 321 -8.77 2.29 -2.38
N ALA A 322 -9.70 1.39 -2.10
CA ALA A 322 -10.89 1.25 -2.92
C ALA A 322 -11.72 2.53 -2.88
N LEU A 323 -11.84 3.13 -1.69
CA LEU A 323 -12.63 4.35 -1.53
C LEU A 323 -12.07 5.52 -2.34
N ALA A 324 -10.76 5.53 -2.56
CA ALA A 324 -10.12 6.61 -3.30
C ALA A 324 -10.05 6.38 -4.81
N MET A 325 -10.44 5.21 -5.28
CA MET A 325 -10.37 4.97 -6.71
C MET A 325 -11.22 5.95 -7.53
N PRO A 326 -12.42 6.31 -7.03
CA PRO A 326 -13.26 7.25 -7.78
C PRO A 326 -12.52 8.59 -7.96
N ILE A 327 -11.67 8.92 -7.00
CA ILE A 327 -10.92 10.16 -7.11
C ILE A 327 -9.97 10.10 -8.30
N VAL A 328 -9.29 8.97 -8.48
CA VAL A 328 -8.36 8.87 -9.61
C VAL A 328 -9.15 8.95 -10.91
N GLU A 329 -10.32 8.32 -10.94
CA GLU A 329 -11.15 8.38 -12.13
C GLU A 329 -11.64 9.80 -12.39
N ALA A 330 -11.87 10.57 -11.33
CA ALA A 330 -12.34 11.95 -11.49
C ALA A 330 -11.28 12.83 -12.17
N ALA A 331 -10.01 12.61 -11.83
CA ALA A 331 -8.94 13.39 -12.43
C ALA A 331 -8.85 13.09 -13.91
N CYS A 332 -9.15 11.85 -14.29
CA CYS A 332 -9.11 11.44 -15.68
C CYS A 332 -10.28 12.06 -16.45
N ALA A 333 -11.45 12.08 -15.81
CA ALA A 333 -12.66 12.64 -16.38
C ALA A 333 -12.49 14.14 -16.62
N MET A 334 -11.90 14.83 -15.64
CA MET A 334 -11.65 16.26 -15.76
C MET A 334 -10.79 16.50 -16.98
N PHE A 335 -9.67 15.79 -17.05
CA PHE A 335 -8.70 15.91 -18.14
C PHE A 335 -9.27 15.70 -19.53
N HIS A 336 -10.09 14.66 -19.69
CA HIS A 336 -10.64 14.31 -20.98
C HIS A 336 -12.00 14.88 -21.38
N ASN A 337 -12.84 15.19 -20.40
CA ASN A 337 -14.19 15.66 -20.71
C ASN A 337 -14.48 17.15 -20.54
N MET A 338 -13.60 17.90 -19.89
CA MET A 338 -13.88 19.33 -19.73
C MET A 338 -13.64 20.11 -21.01
N GLY A 339 -14.43 21.17 -21.17
CA GLY A 339 -14.27 22.04 -22.33
C GLY A 339 -13.05 22.94 -22.18
N GLU A 340 -12.74 23.72 -23.22
CA GLU A 340 -11.58 24.61 -23.18
C GLU A 340 -11.91 26.10 -23.21
N LEU A 341 -11.11 26.89 -22.49
CA LEU A 341 -11.28 28.33 -22.41
C LEU A 341 -11.32 28.99 -23.77
N ALA A 342 -10.33 28.68 -24.60
CA ALA A 342 -10.26 29.26 -25.94
C ALA A 342 -11.55 29.10 -26.75
N ALA A 343 -12.16 27.91 -26.67
CA ALA A 343 -13.39 27.64 -27.41
C ALA A 343 -14.58 28.48 -26.97
N SER A 344 -14.52 29.00 -25.75
CA SER A 344 -15.60 29.85 -25.26
C SER A 344 -15.20 31.30 -25.35
N ASN A 345 -14.06 31.56 -25.98
CA ASN A 345 -13.59 32.92 -26.15
C ASN A 345 -13.38 33.59 -24.79
N ILE A 346 -12.93 32.83 -23.80
CA ILE A 346 -12.69 33.40 -22.49
C ILE A 346 -11.20 33.61 -22.30
N VAL A 347 -10.81 34.82 -21.94
CA VAL A 347 -9.41 35.13 -21.73
C VAL A 347 -9.21 35.58 -20.30
N LEU A 348 -8.30 34.91 -19.59
CA LEU A 348 -8.00 35.25 -18.21
C LEU A 348 -6.55 35.72 -18.09
N PRO A 349 -6.31 36.82 -17.36
CA PRO A 349 -4.96 37.38 -17.17
C PRO A 349 -3.93 36.38 -16.64
#